data_1MFV
#
_entry.id   1MFV
#
_cell.length_a   51.681
_cell.length_b   73.197
_cell.length_c   134.448
_cell.angle_alpha   90.00
_cell.angle_beta   90.00
_cell.angle_gamma   90.00
#
_symmetry.space_group_name_H-M   'P 21 21 21'
#
loop_
_entity.id
_entity.type
_entity.pdbx_description
1 polymer 'alpha-amylase, salivary'
2 branched 4-amino-4,6-dideoxy-alpha-D-glucopyranose-(1-4)-alpha-D-glucopyranose
3 branched 4-amino-4,6-dideoxy-alpha-D-glucopyranose-(1-4)-alpha-D-glucopyranose-(1-4)-beta-D-glucopyranose
4 non-polymer 5-HYDROXYMETHYL-CHONDURITOL
5 non-polymer 'CALCIUM ION'
6 non-polymer 'CHLORIDE ION'
7 water water
#
_entity_poly.entity_id   1
_entity_poly.type   'polypeptide(L)'
_entity_poly.pdbx_seq_one_letter_code
;(PCA)YSSNTQQGRTSIVHLFEWRWVDIALECERYLAPKGFGGVQVSPPNENVAIHNPFRPWWERYQPVSYKLCTRSGNE
DEFRNMVTRCNNVGVRIYVDAVINHMCGNAVSAGTSSTCGSYFNPGSRDFPAVPYSGWDFNDGKCKTGSGDIENYNDATQ
VRDCRLSGLLDLALGKDYVRSKIAEYMNHLIDIGVAGFRIDASKHMWPGDIKAILDKLHNLNSNWFPEGSKPFIYQEVID
LGGEPIKSSDYFGNGRVTEFKYGAKLGTVIRKWNGEKMSYLKNWGEGWGFMPSDRALVFVDNHDNQRGHGAGGASILTFW
DARLYKMAVGFMLAHPYGFTRVMSSYRWPRYFENGKDVNDWVGPPNDNGVTKEVTINPDTTCGNDWVCEHRWRQIRNMVN
FRNVVDGQPFTNWYDNGSNQVAFGRGNRGFIVFNNDDWTFSLTLQTGLPAGTYCDVISGDKINGNCTGIKIYVSDDGKAH
FSISNSAEDPFIAIHAESKL
;
_entity_poly.pdbx_strand_id   A
#
loop_
_chem_comp.id
_chem_comp.type
_chem_comp.name
_chem_comp.formula
AGL D-saccharide, alpha linking 4-amino-4,6-dideoxy-alpha-D-glucopyranose 'C6 H13 N O4'
BGC D-saccharide, beta linking beta-D-glucopyranose 'C6 H12 O6'
CA non-polymer 'CALCIUM ION' 'Ca 2'
CL non-polymer 'CHLORIDE ION' 'Cl -1'
GLC D-saccharide, alpha linking alpha-D-glucopyranose 'C6 H12 O6'
HMC non-polymer 5-HYDROXYMETHYL-CHONDURITOL 'C7 H12 O5'
#
# COMPACT_ATOMS: atom_id res chain seq x y z
N PCA A 1 9.07 4.01 -15.52
CA PCA A 1 8.56 3.21 -14.36
CB PCA A 1 9.61 2.17 -14.00
CG PCA A 1 10.94 2.77 -14.43
CD PCA A 1 10.50 3.73 -15.50
OE PCA A 1 11.30 4.21 -16.30
C PCA A 1 8.21 4.06 -13.13
O PCA A 1 7.71 3.51 -12.15
N TYR A 2 8.52 5.36 -13.19
CA TYR A 2 8.38 6.26 -12.04
C TYR A 2 7.01 6.94 -11.93
N SER A 3 6.32 7.06 -13.06
CA SER A 3 5.03 7.75 -13.10
C SER A 3 3.94 6.75 -12.77
N SER A 4 2.99 7.16 -11.95
CA SER A 4 1.89 6.28 -11.51
C SER A 4 0.94 5.88 -12.63
N ASN A 5 0.83 6.70 -13.67
CA ASN A 5 -0.20 6.55 -14.72
C ASN A 5 -1.65 6.71 -14.23
N THR A 6 -1.84 7.34 -13.07
CA THR A 6 -3.19 7.68 -12.61
C THR A 6 -3.76 8.83 -13.46
N GLN A 7 -5.07 9.04 -13.37
CA GLN A 7 -5.69 10.22 -13.94
C GLN A 7 -5.14 11.50 -13.34
N GLN A 8 -4.98 12.53 -14.17
CA GLN A 8 -4.64 13.85 -13.64
C GLN A 8 -5.65 14.20 -12.55
N GLY A 9 -5.14 14.62 -11.40
CA GLY A 9 -5.96 14.99 -10.27
C GLY A 9 -6.28 13.86 -9.29
N ARG A 10 -5.69 12.68 -9.48
CA ARG A 10 -5.86 11.56 -8.55
C ARG A 10 -4.46 11.13 -8.13
N THR A 11 -4.21 10.98 -6.82
CA THR A 11 -2.85 10.99 -6.26
C THR A 11 -2.50 9.86 -5.29
N SER A 12 -3.45 8.96 -5.03
CA SER A 12 -3.20 7.84 -4.12
C SER A 12 -3.62 6.50 -4.70
N ILE A 13 -2.98 5.45 -4.21
CA ILE A 13 -3.53 4.12 -4.42
C ILE A 13 -4.03 3.51 -3.08
N VAL A 14 -5.01 2.62 -3.18
CA VAL A 14 -5.53 1.93 -1.99
C VAL A 14 -5.24 0.43 -2.17
N HIS A 15 -4.70 -0.20 -1.14
CA HIS A 15 -4.54 -1.67 -1.16
C HIS A 15 -5.83 -2.38 -0.70
N LEU A 16 -6.56 -2.96 -1.66
CA LEU A 16 -7.78 -3.74 -1.35
C LEU A 16 -7.37 -5.19 -1.10
N PHE A 17 -6.68 -5.37 0.03
CA PHE A 17 -6.02 -6.60 0.45
C PHE A 17 -7.02 -7.77 0.49
N GLU A 18 -6.75 -8.81 -0.33
CA GLU A 18 -7.60 -10.02 -0.44
C GLU A 18 -9.04 -9.83 -1.01
N TRP A 19 -9.37 -8.65 -1.49
CA TRP A 19 -10.70 -8.42 -2.09
C TRP A 19 -10.83 -9.26 -3.35
N ARG A 20 -12.05 -9.74 -3.60
CA ARG A 20 -12.44 -10.44 -4.83
C ARG A 20 -12.53 -9.44 -5.99
N TRP A 21 -12.26 -9.90 -7.21
CA TRP A 21 -12.25 -9.04 -8.39
C TRP A 21 -13.61 -8.42 -8.63
N VAL A 22 -14.69 -9.18 -8.41
CA VAL A 22 -16.01 -8.61 -8.63
C VAL A 22 -16.31 -7.47 -7.66
N ASP A 23 -15.79 -7.56 -6.44
CA ASP A 23 -16.06 -6.51 -5.44
C ASP A 23 -15.27 -5.27 -5.77
N ILE A 24 -14.02 -5.46 -6.22
CA ILE A 24 -13.20 -4.33 -6.64
C ILE A 24 -13.81 -3.59 -7.86
N ALA A 25 -14.28 -4.34 -8.84
CA ALA A 25 -14.97 -3.77 -10.01
C ALA A 25 -16.11 -2.85 -9.60
N LEU A 26 -17.01 -3.33 -8.75
CA LEU A 26 -18.09 -2.48 -8.23
C LEU A 26 -17.57 -1.29 -7.44
N GLU A 27 -16.56 -1.54 -6.59
CA GLU A 27 -15.98 -0.50 -5.77
C GLU A 27 -15.40 0.65 -6.62
N CYS A 28 -14.73 0.31 -7.71
CA CYS A 28 -14.24 1.32 -8.65
C CYS A 28 -15.38 2.24 -9.11
N GLU A 29 -16.50 1.62 -9.50
CA GLU A 29 -17.61 2.35 -10.12
C GLU A 29 -18.40 3.17 -9.11
N ARG A 30 -18.68 2.56 -7.96
CA ARG A 30 -19.58 3.14 -7.00
C ARG A 30 -18.90 4.05 -5.98
N TYR A 31 -17.57 3.97 -5.86
CA TYR A 31 -16.86 4.64 -4.76
C TYR A 31 -15.52 5.28 -5.16
N LEU A 32 -14.58 4.48 -5.66
CA LEU A 32 -13.22 4.97 -5.94
C LEU A 32 -13.19 6.09 -6.97
N ALA A 33 -13.93 5.92 -8.07
CA ALA A 33 -13.99 6.98 -9.09
C ALA A 33 -14.58 8.28 -8.57
N PRO A 34 -15.84 8.29 -8.09
CA PRO A 34 -16.44 9.53 -7.57
C PRO A 34 -15.66 10.14 -6.42
N LYS A 35 -14.93 9.34 -5.61
CA LYS A 35 -14.15 9.88 -4.50
C LYS A 35 -12.71 10.27 -4.88
N GLY A 36 -12.34 10.08 -6.13
CA GLY A 36 -11.04 10.53 -6.62
C GLY A 36 -9.81 9.69 -6.27
N PHE A 37 -10.01 8.40 -5.99
CA PHE A 37 -8.90 7.47 -5.78
C PHE A 37 -8.15 7.18 -7.11
N GLY A 38 -6.83 7.15 -7.04
CA GLY A 38 -5.98 6.95 -8.20
C GLY A 38 -6.00 5.53 -8.74
N GLY A 39 -6.01 4.57 -7.83
CA GLY A 39 -5.86 3.18 -8.22
C GLY A 39 -5.89 2.25 -7.05
N VAL A 40 -5.78 0.95 -7.35
CA VAL A 40 -6.01 -0.14 -6.41
C VAL A 40 -4.82 -1.12 -6.55
N GLN A 41 -4.13 -1.40 -5.45
CA GLN A 41 -3.20 -2.51 -5.42
C GLN A 41 -3.96 -3.79 -5.10
N VAL A 42 -3.85 -4.78 -5.98
CA VAL A 42 -4.57 -6.04 -5.79
C VAL A 42 -3.63 -7.09 -5.18
N SER A 43 -4.22 -8.09 -4.51
CA SER A 43 -3.47 -9.25 -4.04
C SER A 43 -2.95 -10.07 -5.26
N PRO A 44 -1.92 -10.92 -5.07
CA PRO A 44 -1.35 -11.64 -6.23
C PRO A 44 -2.44 -12.35 -7.06
N PRO A 45 -2.59 -12.05 -8.36
CA PRO A 45 -3.67 -12.65 -9.16
C PRO A 45 -3.35 -14.03 -9.78
N ASN A 46 -2.13 -14.50 -9.57
CA ASN A 46 -1.68 -15.81 -10.06
C ASN A 46 -1.93 -16.97 -9.09
N GLU A 47 -2.15 -18.14 -9.65
CA GLU A 47 -2.41 -19.37 -8.90
C GLU A 47 -1.40 -19.62 -7.80
N ASN A 48 -1.90 -19.99 -6.62
CA ASN A 48 -1.02 -20.27 -5.48
C ASN A 48 -1.36 -21.60 -4.83
N VAL A 49 -0.53 -22.01 -3.87
CA VAL A 49 -0.77 -23.20 -3.06
C VAL A 49 -1.96 -22.93 -2.17
N ALA A 50 -2.93 -23.85 -2.18
CA ALA A 50 -3.95 -23.87 -1.17
C ALA A 50 -3.40 -24.58 0.10
N ILE A 51 -3.15 -23.79 1.13
CA ILE A 51 -2.57 -24.29 2.36
C ILE A 51 -3.67 -24.51 3.38
N HIS A 52 -3.76 -25.74 3.92
CA HIS A 52 -4.82 -26.02 4.87
C HIS A 52 -4.33 -26.11 6.33
N ASN A 53 -3.01 -26.10 6.51
CA ASN A 53 -2.38 -25.96 7.83
C ASN A 53 -1.39 -24.79 7.83
N PRO A 54 -1.75 -23.66 8.46
CA PRO A 54 -3.07 -23.42 9.08
C PRO A 54 -4.12 -23.15 7.98
N PHE A 55 -5.36 -22.83 8.34
CA PHE A 55 -6.48 -22.81 7.40
C PHE A 55 -6.50 -21.56 6.49
N ARG A 56 -6.04 -21.74 5.25
CA ARG A 56 -6.09 -20.70 4.21
C ARG A 56 -5.53 -19.34 4.68
N PRO A 57 -4.27 -19.31 5.11
CA PRO A 57 -3.69 -18.06 5.63
C PRO A 57 -3.61 -17.04 4.52
N TRP A 58 -3.61 -15.75 4.85
CA TRP A 58 -3.40 -14.74 3.81
C TRP A 58 -2.09 -15.04 3.04
N TRP A 59 -1.08 -15.57 3.73
CA TRP A 59 0.25 -15.71 3.10
C TRP A 59 0.40 -16.85 2.08
N GLU A 60 -0.64 -17.66 1.91
CA GLU A 60 -0.57 -18.69 0.87
C GLU A 60 -0.43 -18.06 -0.51
N ARG A 61 -0.90 -16.81 -0.65
CA ARG A 61 -0.85 -16.12 -1.95
C ARG A 61 0.56 -15.67 -2.32
N TYR A 62 1.48 -15.82 -1.38
CA TYR A 62 2.87 -15.53 -1.69
C TYR A 62 3.66 -16.82 -1.96
N GLN A 63 2.92 -17.89 -2.26
CA GLN A 63 3.52 -19.16 -2.71
C GLN A 63 2.96 -19.56 -4.10
N PRO A 64 3.51 -19.03 -5.18
CA PRO A 64 3.01 -19.32 -6.52
C PRO A 64 3.10 -20.81 -6.93
N VAL A 65 2.11 -21.25 -7.71
CA VAL A 65 2.10 -22.55 -8.36
C VAL A 65 2.20 -22.39 -9.90
N SER A 66 1.63 -21.32 -10.43
CA SER A 66 1.66 -21.03 -11.87
C SER A 66 1.34 -19.56 -12.11
N TYR A 67 1.25 -19.18 -13.37
CA TYR A 67 0.89 -17.80 -13.73
C TYR A 67 -0.54 -17.71 -14.31
N LYS A 68 -1.32 -18.77 -14.11
CA LYS A 68 -2.76 -18.74 -14.36
C LYS A 68 -3.44 -17.77 -13.39
N LEU A 69 -4.38 -17.00 -13.94
CA LEU A 69 -5.05 -15.94 -13.17
C LEU A 69 -6.30 -16.50 -12.50
N CYS A 70 -6.08 -17.31 -11.47
CA CYS A 70 -7.08 -18.18 -10.88
C CYS A 70 -6.78 -18.32 -9.37
N THR A 71 -7.53 -17.58 -8.54
CA THR A 71 -7.27 -17.47 -7.10
C THR A 71 -8.56 -17.32 -6.33
N ARG A 72 -8.48 -17.18 -5.00
CA ARG A 72 -9.68 -16.91 -4.22
C ARG A 72 -10.33 -15.57 -4.53
N SER A 73 -9.59 -14.67 -5.18
CA SER A 73 -10.19 -13.41 -5.63
C SER A 73 -11.06 -13.59 -6.87
N GLY A 74 -10.81 -14.65 -7.64
CA GLY A 74 -11.61 -14.93 -8.84
C GLY A 74 -10.82 -15.47 -10.01
N ASN A 75 -11.49 -15.68 -11.15
CA ASN A 75 -10.80 -16.25 -12.31
C ASN A 75 -10.33 -15.18 -13.33
N GLU A 76 -9.74 -15.61 -14.45
CA GLU A 76 -9.24 -14.66 -15.45
C GLU A 76 -10.33 -13.73 -16.01
N ASP A 77 -11.51 -14.25 -16.32
CA ASP A 77 -12.60 -13.41 -16.82
C ASP A 77 -13.00 -12.34 -15.81
N GLU A 78 -13.07 -12.72 -14.53
CA GLU A 78 -13.39 -11.77 -13.47
C GLU A 78 -12.29 -10.76 -13.30
N PHE A 79 -11.03 -11.19 -13.41
CA PHE A 79 -9.92 -10.25 -13.34
C PHE A 79 -9.94 -9.25 -14.49
N ARG A 80 -10.13 -9.77 -15.70
CA ARG A 80 -10.23 -8.90 -16.88
C ARG A 80 -11.39 -7.93 -16.77
N ASN A 81 -12.54 -8.40 -16.28
CA ASN A 81 -13.75 -7.58 -16.13
C ASN A 81 -13.47 -6.40 -15.18
N MET A 82 -12.77 -6.68 -14.08
CA MET A 82 -12.39 -5.67 -13.10
C MET A 82 -11.45 -4.60 -13.67
N VAL A 83 -10.38 -5.02 -14.34
CA VAL A 83 -9.44 -4.06 -14.91
C VAL A 83 -10.17 -3.14 -15.90
N THR A 84 -10.99 -3.73 -16.77
CA THR A 84 -11.70 -2.94 -17.80
C THR A 84 -12.63 -1.92 -17.15
N ARG A 85 -13.45 -2.40 -16.22
CA ARG A 85 -14.44 -1.56 -15.56
C ARG A 85 -13.80 -0.48 -14.73
N CYS A 86 -12.65 -0.81 -14.10
CA CYS A 86 -11.92 0.17 -13.31
C CYS A 86 -11.27 1.23 -14.19
N ASN A 87 -10.54 0.81 -15.24
CA ASN A 87 -9.94 1.78 -16.18
C ASN A 87 -10.99 2.67 -16.84
N ASN A 88 -12.14 2.09 -17.16
CA ASN A 88 -13.23 2.83 -17.82
C ASN A 88 -13.79 4.00 -17.01
N VAL A 89 -13.63 3.94 -15.68
CA VAL A 89 -14.00 5.03 -14.78
C VAL A 89 -12.76 5.76 -14.21
N GLY A 90 -11.59 5.50 -14.79
CA GLY A 90 -10.40 6.29 -14.50
C GLY A 90 -9.69 5.86 -13.22
N VAL A 91 -9.87 4.61 -12.83
CA VAL A 91 -9.23 4.05 -11.64
C VAL A 91 -8.33 2.89 -12.04
N ARG A 92 -7.05 3.00 -11.69
CA ARG A 92 -6.05 2.05 -12.15
C ARG A 92 -5.90 0.80 -11.27
N ILE A 93 -5.32 -0.25 -11.86
CA ILE A 93 -5.02 -1.51 -11.15
C ILE A 93 -3.52 -1.78 -11.15
N TYR A 94 -2.97 -2.06 -9.97
CA TYR A 94 -1.55 -2.34 -9.80
C TYR A 94 -1.45 -3.73 -9.19
N VAL A 95 -0.61 -4.56 -9.80
CA VAL A 95 -0.55 -5.96 -9.45
C VAL A 95 0.63 -6.23 -8.53
N ASP A 96 0.35 -6.98 -7.46
CA ASP A 96 1.37 -7.51 -6.55
C ASP A 96 2.04 -8.70 -7.27
N ALA A 97 3.23 -8.47 -7.82
CA ALA A 97 3.90 -9.49 -8.64
C ALA A 97 4.86 -10.30 -7.77
N VAL A 98 4.55 -11.60 -7.63
CA VAL A 98 5.35 -12.52 -6.84
C VAL A 98 6.23 -13.29 -7.82
N ILE A 99 7.44 -12.78 -8.00
CA ILE A 99 8.32 -13.27 -9.06
C ILE A 99 9.70 -13.73 -8.59
N ASN A 100 10.01 -13.62 -7.30
CA ASN A 100 11.28 -14.08 -6.77
C ASN A 100 11.34 -15.62 -6.63
N HIS A 101 10.18 -16.23 -6.47
CA HIS A 101 10.11 -17.58 -5.91
C HIS A 101 8.83 -18.28 -6.31
N MET A 102 8.85 -19.61 -6.23
CA MET A 102 7.61 -20.37 -6.21
C MET A 102 7.28 -20.70 -4.75
N CYS A 103 6.68 -21.86 -4.49
CA CYS A 103 6.18 -22.14 -3.14
C CYS A 103 7.28 -22.66 -2.23
N GLY A 104 6.91 -22.92 -0.97
CA GLY A 104 7.85 -23.42 0.03
C GLY A 104 8.37 -24.80 -0.35
N ASN A 105 9.67 -25.03 -0.09
CA ASN A 105 10.31 -26.29 -0.50
C ASN A 105 9.70 -27.56 0.12
N ALA A 106 8.98 -27.39 1.24
CA ALA A 106 8.44 -28.51 2.01
C ALA A 106 6.95 -28.80 1.79
N VAL A 107 6.30 -28.00 0.94
CA VAL A 107 4.91 -28.24 0.56
C VAL A 107 4.80 -29.59 -0.16
N SER A 108 3.75 -30.35 0.14
CA SER A 108 3.52 -31.66 -0.50
C SER A 108 3.14 -31.54 -1.99
N ALA A 109 3.64 -32.47 -2.79
CA ALA A 109 3.28 -32.54 -4.20
C ALA A 109 1.80 -32.86 -4.37
N GLY A 110 1.24 -32.45 -5.50
CA GLY A 110 -0.16 -32.75 -5.80
C GLY A 110 -0.87 -31.59 -6.47
N THR A 111 -2.17 -31.50 -6.23
CA THR A 111 -2.95 -30.44 -6.86
C THR A 111 -3.64 -29.57 -5.81
N SER A 112 -2.97 -29.34 -4.68
CA SER A 112 -3.57 -28.49 -3.65
C SER A 112 -3.23 -27.02 -3.96
N SER A 113 -3.91 -26.51 -4.98
CA SER A 113 -3.64 -25.18 -5.55
C SER A 113 -4.94 -24.54 -5.99
N THR A 114 -4.96 -23.20 -6.10
CA THR A 114 -6.20 -22.46 -6.33
C THR A 114 -6.87 -22.69 -7.71
N CYS A 115 -6.11 -23.20 -8.68
CA CYS A 115 -6.71 -23.67 -9.96
C CYS A 115 -6.54 -25.18 -10.21
N GLY A 116 -6.05 -25.90 -9.20
CA GLY A 116 -5.84 -27.33 -9.33
C GLY A 116 -4.71 -27.79 -10.23
N SER A 117 -3.79 -26.89 -10.60
CA SER A 117 -2.58 -27.29 -11.33
C SER A 117 -1.71 -28.21 -10.47
N TYR A 118 -1.09 -29.20 -11.12
CA TYR A 118 -0.13 -30.08 -10.48
C TYR A 118 1.19 -29.35 -10.26
N PHE A 119 1.87 -29.69 -9.15
CA PHE A 119 3.18 -29.13 -8.82
C PHE A 119 3.89 -30.05 -7.82
N ASN A 120 5.21 -30.14 -7.91
CA ASN A 120 6.01 -30.98 -7.02
C ASN A 120 7.23 -30.22 -6.52
N PRO A 121 7.08 -29.54 -5.37
CA PRO A 121 8.18 -28.76 -4.80
C PRO A 121 9.45 -29.57 -4.61
N GLY A 122 9.32 -30.83 -4.17
CA GLY A 122 10.45 -31.73 -3.96
C GLY A 122 11.28 -31.96 -5.20
N SER A 123 10.64 -32.16 -6.34
CA SER A 123 11.38 -32.39 -7.58
C SER A 123 11.49 -31.11 -8.40
N ARG A 124 11.02 -30.01 -7.82
CA ARG A 124 11.09 -28.69 -8.46
C ARG A 124 10.33 -28.62 -9.80
N ASP A 125 9.23 -29.38 -9.89
CA ASP A 125 8.45 -29.41 -11.14
C ASP A 125 7.17 -28.59 -11.01
N PHE A 126 7.10 -27.52 -11.80
CA PHE A 126 5.89 -26.69 -11.90
C PHE A 126 5.45 -26.66 -13.37
N PRO A 127 4.84 -27.75 -13.83
CA PRO A 127 4.59 -27.95 -15.27
C PRO A 127 3.55 -27.00 -15.87
N ALA A 128 2.77 -26.33 -15.02
CA ALA A 128 1.83 -25.32 -15.51
C ALA A 128 2.55 -24.09 -16.07
N VAL A 129 3.79 -23.86 -15.64
CA VAL A 129 4.55 -22.71 -16.16
C VAL A 129 5.10 -22.86 -17.61
N PRO A 130 6.00 -23.82 -17.88
CA PRO A 130 6.57 -24.76 -16.92
C PRO A 130 7.93 -24.35 -16.35
N TYR A 131 8.20 -24.77 -15.11
CA TYR A 131 9.55 -24.68 -14.54
C TYR A 131 10.03 -26.09 -14.15
N SER A 132 11.35 -26.33 -14.23
CA SER A 132 11.93 -27.54 -13.65
C SER A 132 13.10 -27.22 -12.72
N GLY A 133 13.79 -28.27 -12.24
CA GLY A 133 14.96 -28.12 -11.38
C GLY A 133 16.01 -27.19 -11.94
N TRP A 134 16.10 -27.09 -13.27
CA TRP A 134 17.07 -26.20 -13.92
C TRP A 134 16.77 -24.72 -13.72
N ASP A 135 15.57 -24.42 -13.23
CA ASP A 135 15.08 -23.04 -13.16
C ASP A 135 15.15 -22.43 -11.76
N PHE A 136 15.83 -23.10 -10.83
CA PHE A 136 15.94 -22.63 -9.46
C PHE A 136 17.41 -22.47 -9.05
N ASN A 137 17.63 -21.74 -7.96
CA ASN A 137 18.96 -21.34 -7.51
C ASN A 137 19.66 -22.34 -6.58
N ASP A 138 19.19 -23.60 -6.53
CA ASP A 138 19.74 -24.60 -5.59
C ASP A 138 21.26 -24.76 -5.64
N GLY A 139 21.82 -24.70 -6.84
CA GLY A 139 23.26 -24.90 -7.02
C GLY A 139 24.06 -23.61 -6.92
N LYS A 140 23.36 -22.48 -6.85
CA LYS A 140 23.99 -21.17 -6.82
C LYS A 140 24.17 -20.67 -5.38
N CYS A 141 23.17 -20.97 -4.55
CA CYS A 141 23.16 -20.64 -3.13
C CYS A 141 24.28 -21.36 -2.40
N LYS A 142 24.95 -20.64 -1.50
CA LYS A 142 26.11 -21.23 -0.82
C LYS A 142 25.95 -21.48 0.69
N THR A 143 24.74 -21.32 1.22
CA THR A 143 24.50 -21.61 2.62
C THR A 143 24.32 -23.11 2.84
N GLY A 144 24.58 -23.56 4.07
CA GLY A 144 24.41 -24.96 4.43
C GLY A 144 22.97 -25.43 4.35
N SER A 145 22.05 -24.58 4.79
CA SER A 145 20.62 -24.88 4.79
C SER A 145 19.98 -24.71 3.41
N GLY A 146 20.59 -23.91 2.55
CA GLY A 146 19.97 -23.50 1.29
C GLY A 146 19.00 -22.32 1.43
N ASP A 147 18.72 -21.93 2.68
CA ASP A 147 17.87 -20.78 2.98
C ASP A 147 18.70 -19.53 3.29
N ILE A 148 18.04 -18.37 3.33
CA ILE A 148 18.69 -17.15 3.79
C ILE A 148 18.91 -17.27 5.30
N GLU A 149 20.16 -17.11 5.73
CA GLU A 149 20.54 -17.26 7.14
C GLU A 149 21.00 -15.95 7.78
N ASN A 150 21.45 -15.03 6.93
CA ASN A 150 22.22 -13.87 7.37
C ASN A 150 22.07 -12.71 6.42
N TYR A 151 21.40 -11.65 6.85
CA TYR A 151 21.17 -10.49 5.97
C TYR A 151 22.39 -9.61 5.77
N ASN A 152 23.47 -9.88 6.51
CA ASN A 152 24.72 -9.14 6.32
C ASN A 152 25.47 -9.57 5.07
N ASP A 153 25.03 -10.67 4.47
CA ASP A 153 25.64 -11.16 3.25
C ASP A 153 24.69 -10.97 2.07
N ALA A 154 24.95 -9.96 1.26
CA ALA A 154 24.06 -9.54 0.18
C ALA A 154 23.86 -10.62 -0.90
N THR A 155 24.86 -11.48 -1.05
CA THR A 155 24.81 -12.53 -2.09
C THR A 155 23.77 -13.61 -1.77
N GLN A 156 23.81 -14.12 -0.54
CA GLN A 156 22.86 -15.13 -0.10
C GLN A 156 21.41 -14.59 0.03
N VAL A 157 21.26 -13.30 0.32
CA VAL A 157 19.93 -12.67 0.34
C VAL A 157 19.23 -12.85 -1.02
N ARG A 158 20.02 -12.87 -2.10
CA ARG A 158 19.51 -12.93 -3.48
C ARG A 158 19.45 -14.35 -4.07
N ASP A 159 20.39 -15.19 -3.64
CA ASP A 159 20.58 -16.51 -4.26
C ASP A 159 19.95 -17.66 -3.50
N CYS A 160 19.58 -17.42 -2.25
CA CYS A 160 19.09 -18.49 -1.40
C CYS A 160 17.59 -18.30 -1.13
N ARG A 161 16.99 -19.31 -0.51
CA ARG A 161 15.54 -19.37 -0.33
C ARG A 161 15.04 -18.54 0.84
N LEU A 162 14.23 -17.53 0.54
CA LEU A 162 13.56 -16.72 1.56
C LEU A 162 12.58 -17.60 2.35
N SER A 163 12.93 -17.88 3.61
CA SER A 163 12.12 -18.73 4.48
C SER A 163 11.76 -20.07 3.80
N GLY A 164 12.68 -20.61 3.01
CA GLY A 164 12.48 -21.86 2.30
C GLY A 164 11.69 -21.82 1.00
N LEU A 165 11.25 -20.63 0.60
CA LEU A 165 10.55 -20.43 -0.68
C LEU A 165 11.48 -20.71 -1.86
N LEU A 166 11.11 -21.68 -2.70
CA LEU A 166 11.94 -22.10 -3.85
C LEU A 166 12.35 -20.90 -4.69
N ASP A 167 13.66 -20.67 -4.79
CA ASP A 167 14.21 -19.43 -5.35
C ASP A 167 14.46 -19.50 -6.86
N LEU A 168 13.68 -18.73 -7.63
CA LEU A 168 13.79 -18.80 -9.09
C LEU A 168 15.14 -18.28 -9.57
N ALA A 169 15.67 -18.91 -10.62
CA ALA A 169 16.97 -18.56 -11.14
C ALA A 169 16.86 -17.38 -12.09
N LEU A 170 16.73 -16.18 -11.51
CA LEU A 170 16.42 -14.96 -12.27
C LEU A 170 17.56 -14.46 -13.19
N GLY A 171 18.74 -15.05 -13.09
CA GLY A 171 19.81 -14.80 -14.07
C GLY A 171 19.65 -15.51 -15.41
N LYS A 172 18.71 -16.46 -15.49
CA LYS A 172 18.47 -17.21 -16.72
C LYS A 172 17.47 -16.49 -17.61
N ASP A 173 17.78 -16.34 -18.90
CA ASP A 173 16.84 -15.75 -19.84
C ASP A 173 15.49 -16.49 -19.86
N TYR A 174 15.51 -17.82 -19.73
CA TYR A 174 14.26 -18.56 -19.78
C TYR A 174 13.33 -18.17 -18.64
N VAL A 175 13.88 -18.08 -17.42
CA VAL A 175 13.11 -17.69 -16.25
C VAL A 175 12.58 -16.27 -16.38
N ARG A 176 13.45 -15.36 -16.80
CA ARG A 176 13.09 -13.96 -17.03
C ARG A 176 11.94 -13.84 -18.03
N SER A 177 12.02 -14.63 -19.10
CA SER A 177 10.99 -14.64 -20.14
C SER A 177 9.65 -15.20 -19.67
N LYS A 178 9.66 -16.26 -18.87
CA LYS A 178 8.39 -16.78 -18.34
C LYS A 178 7.71 -15.73 -17.40
N ILE A 179 8.50 -15.09 -16.55
CA ILE A 179 8.02 -13.98 -15.71
C ILE A 179 7.48 -12.82 -16.56
N ALA A 180 8.21 -12.43 -17.61
CA ALA A 180 7.78 -11.33 -18.47
C ALA A 180 6.49 -11.62 -19.20
N GLU A 181 6.30 -12.87 -19.58
CA GLU A 181 5.11 -13.35 -20.27
C GLU A 181 3.89 -13.14 -19.37
N TYR A 182 4.03 -13.53 -18.11
CA TYR A 182 3.03 -13.30 -17.07
C TYR A 182 2.72 -11.80 -16.96
N MET A 183 3.77 -10.99 -16.83
CA MET A 183 3.57 -9.54 -16.61
C MET A 183 2.99 -8.83 -17.83
N ASN A 184 3.39 -9.25 -19.03
CA ASN A 184 2.81 -8.74 -20.28
C ASN A 184 1.35 -9.13 -20.49
N HIS A 185 0.99 -10.33 -20.06
CA HIS A 185 -0.39 -10.76 -20.01
C HIS A 185 -1.23 -9.73 -19.21
N LEU A 186 -0.74 -9.42 -18.01
CA LEU A 186 -1.35 -8.42 -17.13
C LEU A 186 -1.38 -7.01 -17.73
N ILE A 187 -0.25 -6.55 -18.24
CA ILE A 187 -0.21 -5.23 -18.88
C ILE A 187 -1.25 -5.12 -20.00
N ASP A 188 -1.30 -6.13 -20.88
CA ASP A 188 -2.18 -6.06 -22.04
C ASP A 188 -3.65 -6.06 -21.62
N ILE A 189 -3.99 -6.79 -20.56
CA ILE A 189 -5.33 -6.69 -19.94
C ILE A 189 -5.69 -5.25 -19.54
N GLY A 190 -4.69 -4.46 -19.12
CA GLY A 190 -4.84 -3.03 -18.85
C GLY A 190 -4.30 -2.59 -17.50
N VAL A 191 -3.50 -3.45 -16.88
CA VAL A 191 -2.86 -3.12 -15.60
C VAL A 191 -1.90 -1.92 -15.77
N ALA A 192 -1.85 -1.03 -14.76
CA ALA A 192 -1.06 0.22 -14.86
C ALA A 192 0.34 0.11 -14.27
N GLY A 193 0.62 -0.99 -13.58
CA GLY A 193 1.91 -1.18 -12.95
C GLY A 193 1.91 -2.31 -11.94
N PHE A 194 2.98 -2.37 -11.15
CA PHE A 194 3.28 -3.51 -10.29
C PHE A 194 3.91 -3.10 -8.96
N ARG A 195 3.43 -3.72 -7.88
CA ARG A 195 4.18 -3.81 -6.64
C ARG A 195 5.08 -5.06 -6.77
N ILE A 196 6.41 -4.89 -6.83
CA ILE A 196 7.28 -6.06 -6.97
C ILE A 196 7.61 -6.64 -5.61
N ASP A 197 6.96 -7.75 -5.32
CA ASP A 197 7.18 -8.47 -4.06
C ASP A 197 8.65 -8.91 -3.87
N ALA A 198 9.17 -8.83 -2.64
CA ALA A 198 10.49 -9.41 -2.30
C ALA A 198 11.63 -8.91 -3.20
N SER A 199 11.60 -7.62 -3.57
CA SER A 199 12.62 -7.05 -4.45
C SER A 199 14.05 -7.17 -3.89
N LYS A 200 14.21 -7.06 -2.58
CA LYS A 200 15.53 -7.20 -1.95
C LYS A 200 16.17 -8.55 -2.29
N HIS A 201 15.32 -9.54 -2.55
CA HIS A 201 15.76 -10.92 -2.81
C HIS A 201 16.12 -11.19 -4.26
N MET A 202 16.11 -10.12 -5.04
CA MET A 202 16.48 -10.19 -6.44
C MET A 202 17.57 -9.16 -6.71
N TRP A 203 18.49 -9.50 -7.63
CA TRP A 203 19.51 -8.55 -8.08
C TRP A 203 18.82 -7.45 -8.85
N PRO A 204 19.14 -6.17 -8.59
CA PRO A 204 18.60 -5.07 -9.40
C PRO A 204 18.74 -5.34 -10.91
N GLY A 205 19.88 -5.92 -11.34
CA GLY A 205 20.13 -6.22 -12.74
C GLY A 205 19.21 -7.29 -13.34
N ASP A 206 18.75 -8.24 -12.50
CA ASP A 206 17.83 -9.26 -12.97
C ASP A 206 16.42 -8.69 -13.14
N ILE A 207 15.98 -7.87 -12.18
CA ILE A 207 14.73 -7.11 -12.33
C ILE A 207 14.78 -6.27 -13.59
N LYS A 208 15.90 -5.55 -13.80
CA LYS A 208 16.05 -4.76 -15.03
C LYS A 208 15.88 -5.60 -16.30
N ALA A 209 16.51 -6.78 -16.35
CA ALA A 209 16.36 -7.67 -17.52
C ALA A 209 14.91 -8.09 -17.77
N ILE A 210 14.15 -8.34 -16.68
CA ILE A 210 12.72 -8.65 -16.79
C ILE A 210 11.93 -7.46 -17.32
N LEU A 211 12.17 -6.30 -16.71
CA LEU A 211 11.51 -5.06 -17.12
C LEU A 211 11.77 -4.67 -18.57
N ASP A 212 12.99 -4.94 -19.07
CA ASP A 212 13.31 -4.73 -20.50
C ASP A 212 12.34 -5.46 -21.43
N LYS A 213 11.83 -6.61 -20.99
CA LYS A 213 10.94 -7.43 -21.83
C LYS A 213 9.48 -6.96 -21.81
N LEU A 214 9.16 -5.97 -20.99
CA LEU A 214 7.77 -5.57 -20.79
C LEU A 214 7.20 -4.67 -21.86
N HIS A 215 5.92 -4.88 -22.20
CA HIS A 215 5.21 -4.00 -23.14
C HIS A 215 5.00 -2.61 -22.54
N ASN A 216 4.70 -1.64 -23.41
CA ASN A 216 4.07 -0.38 -22.99
C ASN A 216 2.63 -0.68 -22.58
N LEU A 217 2.02 0.24 -21.82
CA LEU A 217 0.67 0.05 -21.31
C LEU A 217 -0.36 0.02 -22.43
N ASN A 218 -1.50 -0.58 -22.15
CA ASN A 218 -2.57 -0.72 -23.13
C ASN A 218 -2.97 0.62 -23.79
N SER A 219 -2.75 0.73 -25.10
CA SER A 219 -2.99 1.97 -25.85
C SER A 219 -4.48 2.42 -25.98
N ASN A 220 -5.44 1.63 -25.52
CA ASN A 220 -6.83 2.12 -25.40
C ASN A 220 -7.04 3.12 -24.27
N TRP A 221 -6.33 2.93 -23.16
CA TRP A 221 -6.50 3.79 -21.99
C TRP A 221 -5.34 4.71 -21.69
N PHE A 222 -4.15 4.33 -22.16
CA PHE A 222 -2.94 5.06 -21.83
C PHE A 222 -2.31 5.64 -23.09
N PRO A 223 -1.75 6.84 -23.00
CA PRO A 223 -1.03 7.43 -24.13
C PRO A 223 0.09 6.48 -24.59
N GLU A 224 0.26 6.36 -25.90
CA GLU A 224 1.37 5.61 -26.48
C GLU A 224 2.71 5.87 -25.78
N GLY A 225 3.49 4.81 -25.54
CA GLY A 225 4.80 4.95 -24.89
C GLY A 225 4.79 5.04 -23.36
N SER A 226 3.60 4.83 -22.77
CA SER A 226 3.44 4.76 -21.33
C SER A 226 4.10 3.49 -20.80
N LYS A 227 4.79 3.63 -19.65
CA LYS A 227 5.51 2.53 -19.02
C LYS A 227 4.79 2.11 -17.74
N PRO A 228 4.78 0.82 -17.41
CA PRO A 228 4.20 0.37 -16.14
C PRO A 228 4.88 1.08 -14.98
N PHE A 229 4.06 1.50 -14.04
CA PHE A 229 4.49 2.05 -12.76
C PHE A 229 5.07 0.87 -11.99
N ILE A 230 6.30 1.04 -11.52
CA ILE A 230 6.97 0.02 -10.75
C ILE A 230 7.25 0.57 -9.38
N TYR A 231 6.71 -0.06 -8.34
CA TYR A 231 7.22 0.18 -6.98
C TYR A 231 7.68 -1.11 -6.34
N GLN A 232 8.93 -1.10 -5.88
CA GLN A 232 9.60 -2.31 -5.36
C GLN A 232 9.57 -2.42 -3.84
N GLU A 233 9.16 -3.56 -3.31
CA GLU A 233 9.20 -3.78 -1.86
C GLU A 233 10.62 -4.13 -1.41
N VAL A 234 11.25 -3.15 -0.79
CA VAL A 234 12.57 -3.30 -0.16
C VAL A 234 12.45 -2.69 1.24
N ILE A 235 12.60 -3.54 2.26
CA ILE A 235 12.61 -3.07 3.65
C ILE A 235 14.04 -2.64 3.99
N ASP A 236 14.27 -1.33 3.98
CA ASP A 236 15.60 -0.82 4.33
C ASP A 236 15.52 0.20 5.47
N LEU A 237 15.79 -0.29 6.66
CA LEU A 237 15.73 0.52 7.87
C LEU A 237 17.13 0.97 8.25
N GLY A 238 18.09 0.76 7.37
CA GLY A 238 19.49 1.03 7.65
C GLY A 238 20.17 -0.20 8.20
N GLY A 239 21.50 -0.18 8.24
CA GLY A 239 22.24 -1.25 8.88
C GLY A 239 22.43 -2.56 8.12
N GLU A 240 22.03 -2.61 6.84
CA GLU A 240 22.21 -3.81 6.03
C GLU A 240 22.98 -3.41 4.79
N PRO A 241 23.71 -4.35 4.16
CA PRO A 241 24.49 -4.01 2.95
C PRO A 241 23.61 -3.64 1.75
N ILE A 242 22.36 -4.11 1.71
CA ILE A 242 21.50 -3.77 0.59
C ILE A 242 20.72 -2.52 0.95
N LYS A 243 20.70 -1.55 0.03
CA LYS A 243 20.05 -0.26 0.24
C LYS A 243 18.88 -0.09 -0.72
N SER A 244 17.84 0.63 -0.29
CA SER A 244 16.71 0.90 -1.19
C SER A 244 17.15 1.63 -2.47
N SER A 245 18.12 2.54 -2.38
CA SER A 245 18.68 3.22 -3.55
C SER A 245 19.25 2.28 -4.64
N ASP A 246 19.65 1.07 -4.24
CA ASP A 246 20.13 0.08 -5.21
C ASP A 246 19.07 -0.24 -6.26
N TYR A 247 17.82 0.13 -5.98
CA TYR A 247 16.70 -0.26 -6.81
C TYR A 247 16.09 0.90 -7.63
N PHE A 248 16.69 2.09 -7.55
CA PHE A 248 16.14 3.30 -8.22
C PHE A 248 16.11 3.22 -9.75
N GLY A 249 17.01 2.43 -10.33
CA GLY A 249 17.01 2.22 -11.77
C GLY A 249 15.78 1.49 -12.29
N ASN A 250 15.07 0.77 -11.43
CA ASN A 250 13.87 0.02 -11.84
C ASN A 250 12.50 0.72 -11.63
N GLY A 251 12.45 1.71 -10.74
CA GLY A 251 11.24 2.39 -10.36
C GLY A 251 11.27 2.95 -8.95
N ARG A 252 10.09 3.20 -8.38
CA ARG A 252 9.97 3.64 -7.00
C ARG A 252 10.30 2.51 -6.03
N VAL A 253 10.49 2.84 -4.76
CA VAL A 253 10.82 1.87 -3.72
C VAL A 253 9.95 2.21 -2.49
N THR A 254 9.43 1.18 -1.83
CA THR A 254 8.72 1.36 -0.58
C THR A 254 9.67 1.97 0.44
N GLU A 255 9.20 3.00 1.12
CA GLU A 255 10.00 3.61 2.20
C GLU A 255 9.44 3.16 3.55
N PHE A 256 10.00 2.08 4.09
CA PHE A 256 9.50 1.53 5.35
C PHE A 256 9.92 2.36 6.55
N LYS A 257 10.91 3.24 6.37
CA LYS A 257 11.23 4.20 7.42
C LYS A 257 10.04 5.13 7.75
N TYR A 258 9.24 5.43 6.74
CA TYR A 258 8.16 6.41 6.84
C TYR A 258 7.16 6.08 7.97
N GLY A 259 6.51 4.92 7.85
CA GLY A 259 5.49 4.51 8.81
C GLY A 259 6.07 4.16 10.19
N ALA A 260 7.27 3.58 10.20
CA ALA A 260 7.98 3.31 11.47
C ALA A 260 8.21 4.58 12.30
N LYS A 261 8.66 5.65 11.64
CA LYS A 261 8.95 6.91 12.33
C LYS A 261 7.69 7.67 12.66
N LEU A 262 6.74 7.69 11.74
CA LEU A 262 5.50 8.44 11.98
C LEU A 262 4.72 7.81 13.14
N GLY A 263 4.69 6.48 13.17
CA GLY A 263 4.07 5.77 14.27
C GLY A 263 4.67 6.15 15.61
N THR A 264 5.99 6.18 15.69
CA THR A 264 6.68 6.60 16.91
C THR A 264 6.28 8.05 17.30
N VAL A 265 6.30 8.94 16.32
CA VAL A 265 5.90 10.33 16.55
C VAL A 265 4.45 10.45 17.09
N ILE A 266 3.52 9.82 16.41
CA ILE A 266 2.11 9.99 16.79
C ILE A 266 1.74 9.33 18.13
N ARG A 267 2.43 8.24 18.47
CA ARG A 267 2.30 7.63 19.79
C ARG A 267 3.06 8.39 20.89
N LYS A 268 3.88 9.36 20.48
CA LYS A 268 4.74 10.14 21.39
C LYS A 268 5.71 9.23 22.15
N TRP A 269 6.30 8.30 21.40
CA TRP A 269 7.26 7.37 21.95
C TRP A 269 8.66 7.87 21.68
N ASN A 270 9.61 7.36 22.45
CA ASN A 270 11.02 7.64 22.19
C ASN A 270 11.30 9.17 22.15
N GLY A 271 10.55 9.94 22.92
CA GLY A 271 10.73 11.39 22.99
C GLY A 271 10.32 12.19 21.77
N GLU A 272 9.64 11.53 20.84
CA GLU A 272 9.28 12.17 19.55
C GLU A 272 8.06 13.07 19.74
N LYS A 273 8.00 14.14 18.96
CA LYS A 273 6.94 15.14 19.06
C LYS A 273 6.54 15.57 17.64
N MET A 274 5.25 15.85 17.42
CA MET A 274 4.81 16.36 16.11
C MET A 274 5.53 17.62 15.62
N SER A 275 5.98 18.47 16.55
CA SER A 275 6.75 19.66 16.17
C SER A 275 8.02 19.31 15.36
N TYR A 276 8.57 18.11 15.54
CA TYR A 276 9.74 17.65 14.80
C TYR A 276 9.45 17.35 13.31
N LEU A 277 8.16 17.26 12.96
CA LEU A 277 7.75 16.95 11.59
C LEU A 277 7.88 18.14 10.61
N LYS A 278 8.35 19.28 11.12
CA LYS A 278 8.56 20.43 10.24
C LYS A 278 9.46 20.12 9.06
N ASN A 279 10.45 19.26 9.28
CA ASN A 279 11.39 18.83 8.21
C ASN A 279 11.17 17.39 7.74
N TRP A 280 9.97 16.87 8.00
CA TRP A 280 9.53 15.58 7.46
C TRP A 280 9.91 15.38 6.00
N GLY A 281 10.41 14.18 5.70
CA GLY A 281 10.83 13.83 4.35
C GLY A 281 12.29 13.48 4.30
N GLU A 282 13.00 14.08 3.34
CA GLU A 282 14.45 13.87 3.21
C GLU A 282 15.22 14.31 4.48
N GLY A 283 14.69 15.31 5.18
CA GLY A 283 15.27 15.79 6.42
C GLY A 283 15.35 14.72 7.51
N TRP A 284 14.45 13.74 7.44
CA TRP A 284 14.47 12.62 8.38
C TRP A 284 15.34 11.44 7.93
N GLY A 285 16.15 11.63 6.88
CA GLY A 285 16.99 10.56 6.33
C GLY A 285 16.28 9.66 5.33
N PHE A 286 15.10 10.06 4.87
CA PHE A 286 14.34 9.21 3.97
C PHE A 286 14.91 9.34 2.57
N MET A 287 14.55 8.40 1.70
CA MET A 287 14.98 8.43 0.30
C MET A 287 14.36 9.66 -0.40
N PRO A 288 14.78 9.97 -1.63
CA PRO A 288 14.22 11.11 -2.35
C PRO A 288 12.69 10.97 -2.49
N SER A 289 11.96 12.06 -2.29
CA SER A 289 10.49 12.05 -2.39
C SER A 289 9.99 11.50 -3.74
N ASP A 290 10.73 11.76 -4.81
CA ASP A 290 10.32 11.31 -6.14
C ASP A 290 10.53 9.81 -6.36
N ARG A 291 11.07 9.11 -5.37
CA ARG A 291 11.15 7.65 -5.46
C ARG A 291 10.39 6.88 -4.37
N ALA A 292 9.96 7.59 -3.35
CA ALA A 292 9.34 6.94 -2.19
C ALA A 292 7.89 6.55 -2.48
N LEU A 293 7.59 5.30 -2.15
CA LEU A 293 6.19 4.84 -2.08
C LEU A 293 5.93 4.80 -0.58
N VAL A 294 5.03 5.67 -0.09
CA VAL A 294 4.84 5.82 1.37
C VAL A 294 3.48 5.29 1.87
N PHE A 295 3.42 4.97 3.16
CA PHE A 295 2.24 4.30 3.74
C PHE A 295 2.44 4.29 5.23
N VAL A 296 1.34 4.25 5.98
CA VAL A 296 1.43 4.21 7.44
C VAL A 296 1.67 2.73 7.87
N ASP A 297 0.87 1.82 7.35
CA ASP A 297 1.07 0.38 7.53
C ASP A 297 0.92 -0.33 6.20
N ASN A 298 1.41 -1.57 6.13
CA ASN A 298 1.15 -2.42 4.98
C ASN A 298 0.59 -3.74 5.47
N HIS A 299 0.29 -4.65 4.54
CA HIS A 299 -0.34 -5.92 4.89
C HIS A 299 0.54 -6.77 5.81
N ASP A 300 1.86 -6.63 5.67
CA ASP A 300 2.81 -7.31 6.56
C ASP A 300 2.85 -6.69 7.95
N ASN A 301 3.23 -5.40 8.03
CA ASN A 301 3.56 -4.86 9.35
C ASN A 301 2.38 -4.55 10.26
N GLN A 302 1.17 -4.49 9.68
CA GLN A 302 -0.05 -4.29 10.49
C GLN A 302 -0.34 -5.51 11.36
N ARG A 303 0.29 -6.65 11.01
CA ARG A 303 0.13 -7.89 11.77
C ARG A 303 1.50 -8.43 12.23
N GLY A 304 2.49 -7.54 12.33
CA GLY A 304 3.80 -7.90 12.88
C GLY A 304 4.72 -8.70 11.96
N HIS A 305 4.33 -8.90 10.70
CA HIS A 305 5.23 -9.51 9.70
C HIS A 305 6.21 -8.46 9.14
N GLY A 306 7.18 -8.94 8.36
CA GLY A 306 8.20 -8.09 7.77
C GLY A 306 9.07 -7.52 8.86
N ALA A 307 9.29 -6.22 8.79
CA ALA A 307 10.08 -5.57 9.82
C ALA A 307 9.28 -5.44 11.10
N GLY A 308 7.95 -5.59 10.98
CA GLY A 308 7.05 -5.39 12.09
C GLY A 308 7.35 -4.03 12.71
N GLY A 309 7.44 -4.00 14.03
CA GLY A 309 7.64 -2.80 14.79
C GLY A 309 6.43 -2.52 15.66
N ALA A 310 6.67 -2.30 16.96
CA ALA A 310 5.60 -1.93 17.89
C ALA A 310 5.00 -0.59 17.54
N SER A 311 5.75 0.28 16.87
CA SER A 311 5.28 1.64 16.65
C SER A 311 4.26 1.73 15.51
N ILE A 312 4.22 0.71 14.64
CA ILE A 312 3.30 0.73 13.50
C ILE A 312 1.85 0.97 13.97
N LEU A 313 1.20 1.94 13.33
CA LEU A 313 -0.19 2.26 13.60
C LEU A 313 -1.09 1.55 12.57
N THR A 314 -2.26 1.09 13.01
CA THR A 314 -3.23 0.40 12.16
C THR A 314 -4.64 0.77 12.60
N PHE A 315 -5.61 0.19 11.89
CA PHE A 315 -7.02 0.37 12.22
C PHE A 315 -7.34 -0.05 13.65
N TRP A 316 -6.52 -0.94 14.22
CA TRP A 316 -6.71 -1.35 15.63
C TRP A 316 -6.54 -0.21 16.63
N ASP A 317 -5.72 0.77 16.26
CA ASP A 317 -5.57 1.99 17.01
C ASP A 317 -6.19 3.13 16.19
N ALA A 318 -7.48 3.05 15.97
CA ALA A 318 -8.17 3.87 14.96
C ALA A 318 -7.97 5.39 15.09
N ARG A 319 -8.01 5.89 16.33
CA ARG A 319 -7.86 7.33 16.58
C ARG A 319 -6.51 7.87 16.10
N LEU A 320 -5.43 7.27 16.58
CA LEU A 320 -4.08 7.69 16.22
C LEU A 320 -3.82 7.41 14.74
N TYR A 321 -4.35 6.28 14.27
CA TYR A 321 -4.21 5.88 12.87
C TYR A 321 -4.74 6.92 11.91
N LYS A 322 -5.94 7.42 12.15
CA LYS A 322 -6.51 8.44 11.27
C LYS A 322 -5.63 9.71 11.21
N MET A 323 -5.02 10.06 12.33
CA MET A 323 -4.17 11.25 12.42
C MET A 323 -2.89 11.05 11.60
N ALA A 324 -2.29 9.88 11.74
CA ALA A 324 -1.08 9.53 10.97
C ALA A 324 -1.36 9.53 9.48
N VAL A 325 -2.47 8.90 9.10
CA VAL A 325 -2.84 8.80 7.70
C VAL A 325 -3.17 10.20 7.16
N GLY A 326 -3.84 11.01 7.99
CA GLY A 326 -4.18 12.36 7.64
C GLY A 326 -2.92 13.19 7.44
N PHE A 327 -1.98 13.12 8.39
CA PHE A 327 -0.68 13.76 8.19
C PHE A 327 0.00 13.37 6.86
N MET A 328 0.12 12.07 6.62
CA MET A 328 0.73 11.57 5.38
C MET A 328 0.08 12.14 4.10
N LEU A 329 -1.25 12.08 4.04
CA LEU A 329 -1.98 12.54 2.86
C LEU A 329 -1.90 14.05 2.67
N ALA A 330 -1.66 14.78 3.76
CA ALA A 330 -1.52 16.24 3.69
C ALA A 330 -0.13 16.66 3.19
N HIS A 331 0.88 15.88 3.54
CA HIS A 331 2.29 16.27 3.33
C HIS A 331 2.73 15.92 1.91
N PRO A 332 3.49 16.81 1.23
CA PRO A 332 3.91 16.55 -0.16
C PRO A 332 4.88 15.36 -0.36
N TYR A 333 5.53 14.88 0.69
CA TYR A 333 6.53 13.83 0.51
C TYR A 333 5.96 12.51 -0.02
N GLY A 334 6.56 11.99 -1.10
CA GLY A 334 6.28 10.63 -1.57
C GLY A 334 4.99 10.43 -2.35
N PHE A 335 4.79 9.20 -2.86
CA PHE A 335 3.52 8.79 -3.48
C PHE A 335 2.79 7.88 -2.47
N THR A 336 1.55 8.26 -2.14
CA THR A 336 0.82 7.67 -1.01
C THR A 336 0.00 6.44 -1.34
N ARG A 337 0.12 5.45 -0.46
CA ARG A 337 -0.71 4.25 -0.51
C ARG A 337 -1.48 4.11 0.80
N VAL A 338 -2.80 3.99 0.70
CA VAL A 338 -3.69 3.81 1.85
C VAL A 338 -3.99 2.31 1.98
N MET A 339 -3.92 1.78 3.20
CA MET A 339 -4.25 0.37 3.47
C MET A 339 -5.76 0.14 3.60
N SER A 340 -6.25 -0.99 3.11
CA SER A 340 -7.65 -1.35 3.41
C SER A 340 -7.64 -2.82 3.84
N SER A 341 -8.18 -3.08 5.01
CA SER A 341 -7.91 -4.31 5.77
C SER A 341 -9.19 -5.10 6.06
N TYR A 342 -9.02 -6.29 6.63
CA TYR A 342 -10.10 -7.04 7.29
C TYR A 342 -9.76 -7.28 8.78
N ARG A 343 -10.76 -7.49 9.63
CA ARG A 343 -10.50 -7.82 11.02
C ARG A 343 -10.23 -9.31 11.12
N TRP A 344 -9.33 -9.68 12.01
CA TRP A 344 -9.13 -11.08 12.30
C TRP A 344 -9.09 -11.19 13.82
N PRO A 345 -9.38 -12.36 14.39
CA PRO A 345 -9.32 -12.50 15.86
C PRO A 345 -7.87 -12.50 16.41
N ARG A 346 -7.32 -11.29 16.49
CA ARG A 346 -6.01 -11.02 17.06
C ARG A 346 -5.90 -11.54 18.52
N TYR A 347 -4.92 -12.40 18.79
CA TYR A 347 -4.77 -13.03 20.10
C TYR A 347 -3.28 -13.08 20.49
N PHE A 348 -2.92 -12.33 21.52
CA PHE A 348 -1.52 -12.20 21.94
C PHE A 348 -1.15 -13.21 23.01
N GLU A 349 -0.15 -14.02 22.70
CA GLU A 349 0.47 -14.95 23.65
C GLU A 349 1.94 -14.61 23.64
N ASN A 350 2.42 -14.13 24.80
CA ASN A 350 3.80 -13.66 25.00
C ASN A 350 4.27 -12.63 23.98
N GLY A 351 3.43 -11.62 23.78
CA GLY A 351 3.78 -10.47 22.96
C GLY A 351 3.60 -10.66 21.48
N LYS A 352 3.16 -11.85 21.08
CA LYS A 352 2.96 -12.15 19.66
C LYS A 352 1.54 -12.62 19.35
N ASP A 353 1.01 -12.14 18.21
CA ASP A 353 -0.32 -12.50 17.74
C ASP A 353 -0.23 -13.88 17.13
N VAL A 354 -0.84 -14.87 17.79
CA VAL A 354 -0.79 -16.24 17.28
C VAL A 354 -1.72 -16.45 16.09
N ASN A 355 -2.61 -15.50 15.85
CA ASN A 355 -3.53 -15.56 14.71
C ASN A 355 -3.10 -14.58 13.61
N ASP A 356 -1.82 -14.22 13.60
CA ASP A 356 -1.32 -13.33 12.56
C ASP A 356 -1.37 -13.96 11.15
N TRP A 357 -1.69 -15.25 11.07
CA TRP A 357 -1.80 -15.98 9.81
C TRP A 357 -3.22 -15.88 9.18
N VAL A 358 -4.25 -15.59 9.98
CA VAL A 358 -5.64 -15.77 9.55
C VAL A 358 -5.91 -15.01 8.23
N GLY A 359 -6.55 -15.70 7.30
CA GLY A 359 -6.86 -15.11 6.00
C GLY A 359 -8.11 -14.24 6.07
N PRO A 360 -8.55 -13.80 4.89
CA PRO A 360 -9.74 -12.95 4.77
C PRO A 360 -11.01 -13.59 5.37
N PRO A 361 -12.01 -12.77 5.68
CA PRO A 361 -13.30 -13.30 6.16
C PRO A 361 -13.75 -14.33 5.16
N ASN A 362 -14.19 -15.49 5.64
CA ASN A 362 -14.49 -16.60 4.73
C ASN A 362 -15.50 -17.53 5.36
N ASP A 363 -16.21 -18.26 4.51
CA ASP A 363 -16.94 -19.42 5.00
C ASP A 363 -16.39 -20.67 4.34
N ASN A 364 -15.74 -21.50 5.16
CA ASN A 364 -15.04 -22.70 4.72
C ASN A 364 -14.08 -22.47 3.56
N GLY A 365 -13.36 -21.34 3.63
CA GLY A 365 -12.30 -21.06 2.68
C GLY A 365 -12.76 -20.19 1.55
N VAL A 366 -14.06 -20.02 1.39
CA VAL A 366 -14.58 -19.13 0.35
C VAL A 366 -14.65 -17.68 0.88
N THR A 367 -13.95 -16.78 0.20
CA THR A 367 -13.86 -15.38 0.62
C THR A 367 -15.24 -14.69 0.63
N LYS A 368 -15.56 -14.02 1.75
CA LYS A 368 -16.87 -13.37 1.89
C LYS A 368 -16.92 -12.15 1.00
N GLU A 369 -18.08 -11.86 0.41
CA GLU A 369 -18.22 -10.63 -0.34
C GLU A 369 -18.08 -9.41 0.59
N VAL A 370 -17.69 -8.27 0.03
CA VAL A 370 -17.70 -7.02 0.75
C VAL A 370 -19.14 -6.47 0.69
N THR A 371 -19.81 -6.46 1.82
CA THR A 371 -21.16 -5.89 1.90
C THR A 371 -21.01 -4.47 2.36
N ILE A 372 -21.90 -3.61 1.88
CA ILE A 372 -21.83 -2.18 2.20
C ILE A 372 -22.99 -1.85 3.11
N ASN A 373 -22.66 -1.41 4.32
CA ASN A 373 -23.64 -1.06 5.34
C ASN A 373 -24.37 0.22 4.95
N PRO A 374 -25.54 0.44 5.53
CA PRO A 374 -26.31 1.68 5.27
C PRO A 374 -25.52 2.99 5.52
N ASP A 375 -24.58 2.99 6.46
CA ASP A 375 -23.80 4.20 6.74
C ASP A 375 -22.56 4.33 5.83
N THR A 376 -22.49 3.46 4.81
CA THR A 376 -21.35 3.36 3.86
C THR A 376 -20.09 2.68 4.41
N THR A 377 -20.16 2.11 5.61
CA THR A 377 -19.06 1.27 6.09
C THR A 377 -19.21 -0.12 5.47
N CYS A 378 -18.33 -1.05 5.84
CA CYS A 378 -18.41 -2.39 5.28
C CYS A 378 -18.82 -3.42 6.33
N GLY A 379 -19.56 -4.44 5.88
CA GLY A 379 -19.89 -5.55 6.75
C GLY A 379 -18.96 -6.73 6.46
N ASN A 380 -19.35 -7.89 6.98
CA ASN A 380 -18.59 -9.14 6.83
C ASN A 380 -17.12 -9.08 7.32
N ASP A 381 -16.85 -8.21 8.30
CA ASP A 381 -15.50 -8.08 8.92
C ASP A 381 -14.43 -7.41 8.04
N TRP A 382 -14.87 -6.83 6.91
CA TRP A 382 -13.97 -5.98 6.14
C TRP A 382 -13.92 -4.61 6.84
N VAL A 383 -12.71 -4.07 7.02
CA VAL A 383 -12.57 -2.82 7.75
C VAL A 383 -12.87 -1.60 6.88
N CYS A 384 -12.45 -1.65 5.62
CA CYS A 384 -12.69 -0.55 4.69
C CYS A 384 -12.22 0.82 5.20
N GLU A 385 -10.96 0.89 5.64
CA GLU A 385 -10.37 2.18 6.05
C GLU A 385 -10.51 3.26 5.01
N HIS A 386 -10.48 2.88 3.73
CA HIS A 386 -10.59 3.84 2.64
C HIS A 386 -11.99 4.48 2.52
N ARG A 387 -12.98 3.90 3.21
CA ARG A 387 -14.33 4.46 3.31
C ARG A 387 -14.56 5.24 4.62
N TRP A 388 -13.58 5.20 5.54
CA TRP A 388 -13.67 6.03 6.75
C TRP A 388 -13.68 7.48 6.31
N ARG A 389 -14.67 8.24 6.75
CA ARG A 389 -14.78 9.65 6.31
C ARG A 389 -13.44 10.41 6.39
N GLN A 390 -12.76 10.31 7.53
CA GLN A 390 -11.53 11.05 7.80
C GLN A 390 -10.40 10.76 6.79
N ILE A 391 -10.35 9.53 6.29
CA ILE A 391 -9.29 9.10 5.37
C ILE A 391 -9.74 9.38 3.94
N ARG A 392 -10.97 8.99 3.64
CA ARG A 392 -11.53 9.25 2.32
C ARG A 392 -11.43 10.74 1.97
N ASN A 393 -11.77 11.62 2.92
CA ASN A 393 -11.74 13.05 2.65
C ASN A 393 -10.33 13.62 2.51
N MET A 394 -9.38 13.00 3.21
CA MET A 394 -7.97 13.37 3.06
C MET A 394 -7.38 12.90 1.74
N VAL A 395 -7.84 11.76 1.21
CA VAL A 395 -7.51 11.34 -0.16
C VAL A 395 -7.87 12.49 -1.15
N ASN A 396 -9.05 13.09 -0.98
CA ASN A 396 -9.42 14.23 -1.82
C ASN A 396 -8.62 15.52 -1.52
N PHE A 397 -8.34 15.79 -0.24
CA PHE A 397 -7.42 16.87 0.14
C PHE A 397 -6.10 16.81 -0.68
N ARG A 398 -5.43 15.65 -0.66
CA ARG A 398 -4.18 15.46 -1.45
C ARG A 398 -4.36 15.80 -2.94
N ASN A 399 -5.48 15.36 -3.53
CA ASN A 399 -5.80 15.69 -4.91
C ASN A 399 -5.91 17.21 -5.09
N VAL A 400 -6.67 17.87 -4.20
CA VAL A 400 -6.95 19.30 -4.31
C VAL A 400 -5.67 20.15 -4.22
N VAL A 401 -4.73 19.70 -3.40
CA VAL A 401 -3.50 20.47 -3.12
C VAL A 401 -2.27 19.96 -3.92
N ASP A 402 -2.52 19.01 -4.82
CA ASP A 402 -1.48 18.42 -5.67
C ASP A 402 -0.54 19.50 -6.23
N GLY A 403 0.75 19.40 -5.91
CA GLY A 403 1.75 20.26 -6.50
C GLY A 403 1.96 21.59 -5.79
N GLN A 404 1.14 21.87 -4.78
CA GLN A 404 1.27 23.09 -3.98
C GLN A 404 2.36 22.90 -2.94
N PRO A 405 3.14 23.95 -2.66
CA PRO A 405 4.25 23.85 -1.70
C PRO A 405 3.81 23.76 -0.23
N PHE A 406 4.62 23.06 0.55
CA PHE A 406 4.54 23.04 2.00
C PHE A 406 4.81 24.48 2.50
N THR A 407 3.82 25.10 3.16
CA THR A 407 3.94 26.49 3.64
C THR A 407 3.22 26.71 4.97
N ASN A 408 3.43 27.89 5.57
CA ASN A 408 2.63 28.32 6.72
C ASN A 408 2.63 27.32 7.88
N TRP A 409 3.81 26.78 8.17
CA TRP A 409 4.00 25.83 9.25
C TRP A 409 3.86 26.54 10.59
N TYR A 410 3.16 25.90 11.54
CA TYR A 410 3.08 26.37 12.91
C TYR A 410 3.37 25.20 13.83
N ASP A 411 4.02 25.48 14.98
CA ASP A 411 4.10 24.51 16.09
C ASP A 411 4.29 25.19 17.44
N ASN A 412 3.84 24.52 18.50
CA ASN A 412 3.95 25.04 19.86
C ASN A 412 5.17 24.46 20.60
N GLY A 413 6.10 23.89 19.84
CA GLY A 413 7.28 23.28 20.44
C GLY A 413 7.05 21.90 21.01
N SER A 414 5.80 21.42 20.96
CA SER A 414 5.41 20.11 21.49
C SER A 414 4.61 19.29 20.43
N ASN A 415 3.30 19.15 20.59
CA ASN A 415 2.48 18.35 19.66
C ASN A 415 1.27 19.05 19.04
N GLN A 416 1.29 20.38 19.02
CA GLN A 416 0.27 21.15 18.31
C GLN A 416 0.90 21.82 17.12
N VAL A 417 0.47 21.38 15.93
CA VAL A 417 1.09 21.78 14.67
C VAL A 417 0.05 22.04 13.61
N ALA A 418 0.43 22.83 12.62
CA ALA A 418 -0.44 23.10 11.49
C ALA A 418 0.41 23.44 10.30
N PHE A 419 -0.13 23.20 9.10
CA PHE A 419 0.57 23.66 7.90
C PHE A 419 -0.36 23.78 6.72
N GLY A 420 0.07 24.54 5.73
CA GLY A 420 -0.72 24.77 4.53
C GLY A 420 -0.09 24.13 3.32
N ARG A 421 -0.89 23.99 2.28
CA ARG A 421 -0.37 23.60 0.99
C ARG A 421 -0.74 24.69 -0.01
N GLY A 422 0.25 25.54 -0.29
CA GLY A 422 0.02 26.72 -1.11
C GLY A 422 -1.22 27.44 -0.62
N ASN A 423 -2.10 27.81 -1.56
CA ASN A 423 -3.32 28.49 -1.19
C ASN A 423 -4.54 27.59 -1.34
N ARG A 424 -4.30 26.28 -1.24
CA ARG A 424 -5.34 25.32 -1.59
C ARG A 424 -5.83 24.44 -0.44
N GLY A 425 -5.07 24.32 0.64
CA GLY A 425 -5.45 23.48 1.76
C GLY A 425 -4.69 23.83 3.03
N PHE A 426 -5.23 23.46 4.19
CA PHE A 426 -4.63 23.77 5.47
C PHE A 426 -5.12 22.73 6.47
N ILE A 427 -4.23 22.32 7.36
CA ILE A 427 -4.52 21.24 8.27
C ILE A 427 -3.89 21.54 9.63
N VAL A 428 -4.62 21.18 10.68
CA VAL A 428 -4.23 21.51 12.04
C VAL A 428 -4.33 20.26 12.92
N PHE A 429 -3.30 20.00 13.70
CA PHE A 429 -3.29 18.84 14.59
C PHE A 429 -3.11 19.20 16.05
N ASN A 430 -3.89 18.55 16.94
CA ASN A 430 -3.59 18.58 18.38
C ASN A 430 -3.30 17.21 19.00
N ASN A 431 -2.02 16.90 19.23
CA ASN A 431 -1.68 15.65 19.88
C ASN A 431 -1.09 15.86 21.27
N ASP A 432 -1.39 17.00 21.88
CA ASP A 432 -0.95 17.27 23.27
C ASP A 432 -2.06 17.03 24.27
N ASP A 433 -1.70 17.00 25.55
CA ASP A 433 -2.63 16.71 26.64
C ASP A 433 -3.38 17.94 27.16
N TRP A 434 -3.62 18.91 26.29
CA TRP A 434 -4.44 20.08 26.57
C TRP A 434 -5.03 20.63 25.27
N THR A 435 -5.97 21.55 25.41
CA THR A 435 -6.68 22.14 24.29
C THR A 435 -5.77 23.01 23.42
N PHE A 436 -5.93 22.90 22.10
CA PHE A 436 -5.34 23.84 21.17
C PHE A 436 -6.42 24.85 20.83
N SER A 437 -6.16 26.11 21.16
CA SER A 437 -7.07 27.18 20.77
C SER A 437 -6.24 28.36 20.30
N LEU A 438 -6.30 28.64 19.01
CA LEU A 438 -5.43 29.63 18.42
C LEU A 438 -5.91 30.09 17.06
N THR A 439 -5.68 31.36 16.77
CA THR A 439 -5.86 31.92 15.45
C THR A 439 -4.56 31.80 14.64
N LEU A 440 -4.67 31.24 13.44
CA LEU A 440 -3.51 30.91 12.61
C LEU A 440 -3.69 31.44 11.19
N GLN A 441 -2.58 31.84 10.58
CA GLN A 441 -2.54 32.13 9.14
C GLN A 441 -2.70 30.82 8.33
N THR A 442 -3.75 30.75 7.49
CA THR A 442 -4.07 29.55 6.71
C THR A 442 -3.56 29.57 5.27
N GLY A 443 -3.27 30.75 4.73
CA GLY A 443 -2.89 30.84 3.34
C GLY A 443 -4.05 30.75 2.36
N LEU A 444 -5.27 30.62 2.87
CA LEU A 444 -6.46 30.40 2.02
C LEU A 444 -7.28 31.68 1.77
N PRO A 445 -8.00 31.74 0.65
CA PRO A 445 -9.00 32.78 0.41
C PRO A 445 -10.02 32.87 1.53
N ALA A 446 -10.45 34.09 1.87
CA ALA A 446 -11.55 34.32 2.83
C ALA A 446 -12.79 33.49 2.49
N GLY A 447 -13.41 32.93 3.51
CA GLY A 447 -14.63 32.17 3.30
C GLY A 447 -14.97 31.25 4.43
N THR A 448 -16.04 30.50 4.25
CA THR A 448 -16.45 29.47 5.20
C THR A 448 -16.07 28.15 4.58
N TYR A 449 -15.37 27.34 5.35
CA TYR A 449 -14.89 26.03 4.89
C TYR A 449 -15.41 24.91 5.77
N CYS A 450 -15.86 23.83 5.14
CA CYS A 450 -16.23 22.63 5.88
C CYS A 450 -14.94 21.94 6.28
N ASP A 451 -14.84 21.61 7.57
CA ASP A 451 -13.82 20.70 8.07
C ASP A 451 -14.12 19.30 7.53
N VAL A 452 -13.20 18.76 6.72
CA VAL A 452 -13.46 17.49 6.05
C VAL A 452 -13.15 16.29 6.93
N ILE A 453 -12.61 16.53 8.11
CA ILE A 453 -12.39 15.46 9.09
C ILE A 453 -13.67 15.12 9.86
N SER A 454 -14.32 16.14 10.43
CA SER A 454 -15.58 15.96 11.19
C SER A 454 -16.83 15.80 10.30
N GLY A 455 -16.77 16.22 9.04
CA GLY A 455 -17.94 16.18 8.20
C GLY A 455 -17.67 16.30 6.71
N ASP A 456 -18.72 16.65 5.96
CA ASP A 456 -18.66 16.82 4.50
C ASP A 456 -19.30 18.12 4.09
N LYS A 457 -18.90 18.63 2.92
CA LYS A 457 -19.63 19.65 2.18
C LYS A 457 -20.74 18.99 1.36
N ILE A 458 -21.98 19.42 1.56
CA ILE A 458 -23.12 18.89 0.81
C ILE A 458 -23.99 20.07 0.42
N ASN A 459 -24.04 20.37 -0.88
CA ASN A 459 -24.90 21.45 -1.43
C ASN A 459 -25.08 22.73 -0.57
N GLY A 460 -24.02 23.49 -0.36
CA GLY A 460 -24.15 24.75 0.36
C GLY A 460 -24.05 24.73 1.89
N ASN A 461 -24.01 23.55 2.50
CA ASN A 461 -23.60 23.49 3.90
C ASN A 461 -22.62 22.39 4.24
N CYS A 462 -22.33 22.28 5.53
CA CYS A 462 -21.34 21.39 6.11
C CYS A 462 -22.08 20.53 7.12
N THR A 463 -21.71 19.26 7.23
CA THR A 463 -22.30 18.40 8.26
C THR A 463 -21.43 18.33 9.50
N GLY A 464 -20.20 18.84 9.42
CA GLY A 464 -19.35 18.88 10.60
C GLY A 464 -19.05 20.30 11.02
N ILE A 465 -17.82 20.48 11.48
CA ILE A 465 -17.27 21.77 11.90
C ILE A 465 -17.10 22.73 10.72
N LYS A 466 -17.30 24.01 10.97
CA LYS A 466 -17.06 25.02 9.96
C LYS A 466 -15.93 25.94 10.42
N ILE A 467 -15.00 26.26 9.51
CA ILE A 467 -13.91 27.17 9.81
C ILE A 467 -14.10 28.46 9.01
N TYR A 468 -13.89 29.59 9.68
CA TYR A 468 -14.14 30.90 9.05
C TYR A 468 -12.83 31.60 8.81
N VAL A 469 -12.47 31.74 7.54
CA VAL A 469 -11.20 32.36 7.16
C VAL A 469 -11.52 33.82 6.86
N SER A 470 -10.87 34.72 7.59
CA SER A 470 -11.09 36.15 7.42
C SER A 470 -10.32 36.64 6.21
N ASP A 471 -10.49 37.93 5.90
CA ASP A 471 -9.95 38.53 4.69
C ASP A 471 -8.43 38.48 4.64
N ASP A 472 -7.78 38.44 5.80
CA ASP A 472 -6.32 38.33 5.83
C ASP A 472 -5.78 36.89 5.91
N GLY A 473 -6.65 35.89 5.78
CA GLY A 473 -6.23 34.50 5.71
C GLY A 473 -6.18 33.77 7.04
N LYS A 474 -6.47 34.50 8.11
CA LYS A 474 -6.50 33.96 9.46
C LYS A 474 -7.84 33.30 9.81
N ALA A 475 -7.76 32.26 10.62
CA ALA A 475 -8.92 31.52 11.12
C ALA A 475 -8.63 31.00 12.51
N HIS A 476 -9.64 30.97 13.35
CA HIS A 476 -9.51 30.38 14.66
C HIS A 476 -9.78 28.87 14.63
N PHE A 477 -8.98 28.12 15.37
CA PHE A 477 -9.15 26.68 15.53
C PHE A 477 -9.20 26.33 17.01
N SER A 478 -10.22 25.57 17.42
CA SER A 478 -10.23 24.97 18.76
C SER A 478 -10.34 23.45 18.68
N ILE A 479 -9.32 22.77 19.16
CA ILE A 479 -9.38 21.32 19.23
C ILE A 479 -9.10 20.84 20.64
N SER A 480 -10.11 20.29 21.31
CA SER A 480 -9.89 19.68 22.62
C SER A 480 -8.94 18.47 22.53
N ASN A 481 -8.13 18.22 23.57
CA ASN A 481 -7.32 17.00 23.59
C ASN A 481 -8.15 15.74 23.77
N SER A 482 -9.41 15.90 24.19
CA SER A 482 -10.29 14.75 24.30
C SER A 482 -11.04 14.45 22.99
N ALA A 483 -10.78 15.25 21.94
CA ALA A 483 -11.47 15.11 20.66
C ALA A 483 -11.28 13.68 20.14
N GLU A 484 -12.34 13.10 19.60
CA GLU A 484 -12.25 11.77 18.98
C GLU A 484 -11.33 11.84 17.76
N ASP A 485 -11.44 12.91 16.97
CA ASP A 485 -10.48 13.19 15.89
C ASP A 485 -9.84 14.54 16.17
N PRO A 486 -8.67 14.55 16.82
CA PRO A 486 -8.06 15.80 17.23
C PRO A 486 -7.32 16.50 16.07
N PHE A 487 -7.96 16.60 14.91
CA PHE A 487 -7.41 17.35 13.78
C PHE A 487 -8.48 17.86 12.82
N ILE A 488 -8.14 18.95 12.13
CA ILE A 488 -9.06 19.63 11.25
C ILE A 488 -8.38 19.90 9.91
N ALA A 489 -9.13 19.71 8.83
CA ALA A 489 -8.55 19.93 7.50
C ALA A 489 -9.55 20.64 6.62
N ILE A 490 -9.09 21.67 5.92
CA ILE A 490 -9.94 22.42 5.00
C ILE A 490 -9.19 22.65 3.69
N HIS A 491 -9.93 22.79 2.58
CA HIS A 491 -9.30 22.96 1.29
C HIS A 491 -10.25 23.65 0.32
N ALA A 492 -9.73 24.01 -0.85
CA ALA A 492 -10.48 24.77 -1.85
C ALA A 492 -11.84 24.16 -2.23
N GLU A 493 -11.97 22.83 -2.26
CA GLU A 493 -13.23 22.20 -2.66
C GLU A 493 -14.18 22.02 -1.47
N SER A 494 -13.75 22.35 -0.26
CA SER A 494 -14.65 22.28 0.90
C SER A 494 -15.17 23.67 1.29
N LYS A 495 -14.78 24.67 0.52
CA LYS A 495 -15.28 26.03 0.71
C LYS A 495 -16.75 26.17 0.24
N LEU A 496 -17.58 26.78 1.08
CA LEU A 496 -18.97 27.10 0.71
C LEU A 496 -19.07 28.26 -0.28
C1 GLC B . 4.66 -13.83 3.49
C2 GLC B . 4.73 -14.02 5.01
C3 GLC B . 5.64 -15.21 5.37
C4 GLC B . 5.22 -16.44 4.57
C5 GLC B . 5.33 -16.11 3.06
C6 GLC B . 5.04 -17.31 2.13
O2 GLC B . 5.22 -12.84 5.62
O3 GLC B . 5.56 -15.49 6.75
O4 GLC B . 6.02 -17.57 4.92
O5 GLC B . 4.43 -15.05 2.77
O6 GLC B . 3.75 -17.87 2.25
C1 AGL B . 5.33 -18.67 5.28
C2 AGL B . 5.48 -19.11 6.74
C3 AGL B . 6.94 -19.52 6.96
C4 AGL B . 7.34 -20.63 5.98
C5 AGL B . 7.08 -20.18 4.53
C6 AGL B . 7.37 -21.30 3.51
O2 AGL B . 5.13 -17.99 7.54
O3 AGL B . 7.16 -19.89 8.31
N4 AGL B . 8.74 -21.00 6.17
O5 AGL B . 5.72 -19.73 4.38
C1 GLC C . 14.33 -7.75 8.38
C2 GLC C . 14.80 -7.63 6.93
C3 GLC C . 13.62 -7.72 5.95
C4 GLC C . 12.85 -9.01 6.22
C5 GLC C . 12.41 -8.99 7.69
C6 GLC C . 11.56 -10.18 8.09
O1 GLC C . 13.49 -6.68 8.71
O2 GLC C . 15.53 -6.44 6.71
O3 GLC C . 14.08 -7.69 4.61
O4 GLC C . 11.75 -9.09 5.33
O5 GLC C . 13.57 -8.93 8.53
O6 GLC C . 12.36 -11.35 7.96
C1 AGL C . 11.46 -10.16 4.58
C2 AGL C . 11.54 -9.87 3.08
C3 AGL C . 10.27 -9.16 2.57
C4 AGL C . 9.01 -9.88 3.08
C5 AGL C . 9.05 -10.01 4.61
C6 AGL C . 7.82 -10.70 5.18
O2 AGL C . 12.73 -9.15 2.80
O3 AGL C . 10.24 -9.15 1.15
N4 AGL C . 7.75 -9.28 2.54
O5 AGL C . 10.23 -10.78 4.99
C2 BGC D . 15.48 19.12 15.94
C3 BGC D . 15.32 17.71 15.37
C4 BGC D . 15.66 16.62 16.41
C5 BGC D . 14.92 16.90 17.71
C6 BGC D . 15.32 15.90 18.79
C1 BGC D . 14.75 19.23 17.28
O1 BGC D . 15.03 20.46 17.90
O2 BGC D . 15.00 20.06 15.02
O3 BGC D . 16.14 17.58 14.23
O4 BGC D . 15.43 15.26 16.01
O5 BGC D . 15.23 18.22 18.15
O6 BGC D . 15.00 16.39 20.08
C1 GLC D . 14.12 15.00 15.43
C2 GLC D . 13.68 13.56 15.72
C3 GLC D . 14.63 12.57 15.05
C4 GLC D . 14.79 12.92 13.56
C5 GLC D . 15.10 14.42 13.36
C6 GLC D . 15.12 14.87 11.91
O2 GLC D . 13.59 13.32 17.12
O3 GLC D . 14.17 11.24 15.18
O4 GLC D . 15.82 12.13 12.99
O5 GLC D . 14.13 15.19 14.03
O6 GLC D . 15.41 16.26 11.88
C1 AGL D . 15.63 11.33 11.95
C2 AGL D . 15.85 9.84 12.21
C3 AGL D . 17.33 9.57 12.48
C4 AGL D . 18.19 10.09 11.31
C5 AGL D . 17.85 11.56 11.00
C6 AGL D . 18.53 12.07 9.72
O2 AGL D . 15.05 9.45 13.31
O3 AGL D . 17.52 8.17 12.68
N4 AGL D . 19.60 9.96 11.64
O5 AGL D . 16.44 11.74 10.83
C1 HMC E . 8.93 -22.04 6.86
C2 HMC E . 9.83 -22.04 8.09
O2 HMC E . 9.54 -20.93 8.94
C3 HMC E . 11.27 -22.00 7.58
O3 HMC E . 12.21 -21.68 8.59
C4 HMC E . 11.62 -23.33 6.93
O4 HMC E . 12.74 -23.10 6.09
C5 HMC E . 10.47 -23.89 6.13
C6 HMC E . 9.24 -23.31 6.10
C7 HMC E . 10.65 -25.15 5.31
O7 HMC E . 11.99 -25.21 4.81
C1 HMC F . 7.16 -9.81 1.49
C2 HMC F . 5.63 -9.87 1.36
O2 HMC F . 5.04 -8.61 1.65
C3 HMC F . 5.17 -10.94 2.34
O3 HMC F . 3.77 -10.85 2.57
C4 HMC F . 5.59 -12.33 1.84
O4 HMC F . 5.72 -13.26 2.91
C5 HMC F . 6.88 -12.28 1.04
C6 HMC F . 7.59 -11.14 0.85
C7 HMC F . 7.31 -13.54 0.33
O7 HMC F . 6.53 -13.52 -0.88
CA CA G . 16.17 -14.66 -5.05
CL CL H . 4.62 -3.30 0.36
#